data_7Z9L
#
_entry.id   7Z9L
#
loop_
_entity.id
_entity.type
_entity.pdbx_description
1 polymer "DNA (5'-D(*TP*AP*GP*GP*GP*TP*TP*AP*GP*GP*GP*TP*TP*AP*GP*GP*GP*TP*TP*AP*GP*GP*G)-3')"
2 non-polymer N2,N9-bis(1-methylquinolin-3-yl)-1,10-phenanthroline-2,9-dicarboxamide
#
_entity_poly.entity_id   1
_entity_poly.type   'polydeoxyribonucleotide'
_entity_poly.pdbx_seq_one_letter_code
;(DT)(DA)(DG)(DG)(DG)(DT)(DT)(DA)(DG)(DG)(DG)(DT)(DT)(DA)(DG)(DG)(DG)(DT)(DT)(DA)
(DG)(DG)(DG)
;
_entity_poly.pdbx_strand_id   A
#